data_5I2N
#
_entry.id   5I2N
#
_cell.length_a   56.521
_cell.length_b   89.859
_cell.length_c   120.801
_cell.angle_alpha   90.00
_cell.angle_beta   90.00
_cell.angle_gamma   90.00
#
_symmetry.space_group_name_H-M   'P 21 21 21'
#
loop_
_entity.id
_entity.type
_entity.pdbx_description
1 polymer 'Glutamate receptor ionotropic, NMDA 2A'
2 polymer 'Glutamate receptor ionotropic, NMDA 1'
3 non-polymer 'CALCIUM ION'
4 non-polymer 'GLUTAMIC ACID'
5 non-polymer N-ethyl-7-{[2-fluoro-3-(trifluoromethyl)phenyl]methyl}-2-methyl-5-oxo-5H-[1,3]thiazolo[3,2-a]pyrimidine-3-carboxamide
6 non-polymer '4-(2-HYDROXYETHYL)-1-PIPERAZINE ETHANESULFONIC ACID'
7 non-polymer GLYCINE
8 water water
#
loop_
_entity_poly.entity_id
_entity_poly.type
_entity_poly.pdbx_seq_one_letter_code
_entity_poly.pdbx_strand_id
1 'polypeptide(L)'
;GSPDDNHLSIVTLEEAPFVIVEDIDPLTETCVRNTVPCRKFVKINNSTNEGMNVKKCCKGFCIDILKKLSRTVKFTYDLY
LVTNGKHGKKVNNVWNGMIGEVVYQRAVMAVGSLTINEERSEVVDFSVPFVETGISVMVSRGTQVTGLSDKKFQRPHDYS
PPFRFGTVPNGSTERNIRNNYPYMHQYMTKFNQKGVEDALVSLKTGKLDAFIYDAAVLNYKAGRDEGCKLVTIGSGYIFA
TTGYGIALQKGSPWKRQIDLALLQFVGDGEMEELETLWLTGICHN
;
A
2 'polypeptide(L)'
;GSMSTRLKIVTIHQEPFVYVKPTLSDGTCKEEFTVNGDPVKKVICTGPNDTSPGSPRHTVPQCCYGFCIDLLIKLARTMN
FTYEVHLVADGKFGTQERVNNSNKKEWNGMMGELLSGQADMIVAPLTINNERAQYIEFSKPFKYQGLTILVKKGTRITGI
NDPRLRNPSDKFIYATVKQSSVDIYFRRQVELSTMYRHMEKHNYESAAEAIQAVRDNKLHAFIWDSAVLEFEASQKCDLV
TTGELFFRSGFGIGMRKDSPWKQNVSLSILKSHENGFMEDLDKTWVRYQECDS
;
B
#
# COMPACT_ATOMS: atom_id res chain seq x y z
N ASP A 5 -27.41 -14.45 9.77
CA ASP A 5 -26.79 -13.20 10.23
C ASP A 5 -25.94 -12.58 9.10
N ASN A 6 -26.58 -12.48 7.93
CA ASN A 6 -26.06 -12.04 6.63
C ASN A 6 -26.43 -10.59 6.26
N HIS A 7 -27.36 -9.97 7.01
CA HIS A 7 -27.86 -8.62 6.77
C HIS A 7 -27.15 -7.66 7.71
N LEU A 8 -26.26 -6.86 7.13
CA LEU A 8 -25.33 -5.99 7.86
C LEU A 8 -25.65 -4.50 7.86
N SER A 9 -25.47 -3.87 9.02
CA SER A 9 -25.59 -2.42 9.24
C SER A 9 -24.24 -1.84 8.77
N ILE A 10 -24.26 -0.98 7.73
CA ILE A 10 -23.03 -0.38 7.17
C ILE A 10 -23.10 1.14 7.21
N VAL A 11 -22.03 1.79 7.71
CA VAL A 11 -21.94 3.25 7.83
C VAL A 11 -21.08 3.83 6.71
N THR A 12 -21.48 4.99 6.19
CA THR A 12 -20.72 5.68 5.18
C THR A 12 -20.75 7.21 5.49
N LEU A 13 -20.02 7.97 4.67
CA LEU A 13 -19.90 9.41 4.79
C LEU A 13 -19.70 9.97 3.41
N GLU A 14 -20.39 11.07 3.09
CA GLU A 14 -20.23 11.67 1.77
C GLU A 14 -18.85 12.34 1.60
N GLU A 15 -18.20 12.07 0.48
CA GLU A 15 -16.93 12.67 0.08
C GLU A 15 -16.69 12.21 -1.34
N ALA A 16 -17.06 13.08 -2.29
CA ALA A 16 -16.90 12.84 -3.74
C ALA A 16 -15.41 12.65 -4.09
N PRO A 17 -15.04 11.74 -5.02
CA PRO A 17 -15.93 10.86 -5.81
C PRO A 17 -16.14 9.49 -5.16
N PHE A 18 -15.69 9.35 -3.90
CA PHE A 18 -15.72 8.09 -3.18
C PHE A 18 -17.13 7.72 -2.77
N VAL A 19 -17.87 8.68 -2.20
CA VAL A 19 -19.29 8.51 -1.80
C VAL A 19 -19.97 9.81 -2.17
N ILE A 20 -20.99 9.73 -3.03
CA ILE A 20 -21.77 10.87 -3.53
C ILE A 20 -23.19 10.60 -3.13
N VAL A 21 -23.83 11.56 -2.43
CA VAL A 21 -25.19 11.43 -1.92
C VAL A 21 -26.16 12.24 -2.81
N GLU A 22 -27.27 11.61 -3.22
CA GLU A 22 -28.28 12.26 -4.07
C GLU A 22 -29.64 12.14 -3.44
N ASP A 23 -30.58 13.00 -3.87
CA ASP A 23 -31.96 12.90 -3.42
C ASP A 23 -32.64 11.78 -4.21
N ILE A 24 -33.63 11.14 -3.59
CA ILE A 24 -34.39 10.04 -4.17
C ILE A 24 -35.33 10.57 -5.29
N ASP A 25 -35.79 9.69 -6.22
CA ASP A 25 -36.71 10.05 -7.30
C ASP A 25 -37.99 10.69 -6.70
N PRO A 26 -38.30 11.97 -7.04
CA PRO A 26 -39.47 12.64 -6.43
C PRO A 26 -40.81 11.99 -6.76
N GLU A 29 -39.93 7.10 -7.57
CA GLU A 29 -40.08 7.14 -6.11
C GLU A 29 -38.91 6.50 -5.28
N THR A 30 -37.99 5.74 -5.95
CA THR A 30 -36.88 4.99 -5.33
C THR A 30 -35.47 5.35 -5.88
N CYS A 31 -34.47 4.45 -5.63
CA CYS A 31 -33.08 4.63 -6.09
C CYS A 31 -32.78 3.90 -7.41
N VAL A 32 -32.78 4.68 -8.51
CA VAL A 32 -32.51 4.24 -9.89
C VAL A 32 -30.99 4.11 -10.15
N ARG A 33 -30.61 3.73 -11.41
CA ARG A 33 -29.26 3.64 -11.96
C ARG A 33 -28.28 2.83 -11.10
N ASN A 34 -27.02 3.33 -10.97
CA ASN A 34 -25.96 2.71 -10.18
C ASN A 34 -26.02 3.17 -8.72
N THR A 35 -27.17 3.72 -8.29
CA THR A 35 -27.27 4.20 -6.91
C THR A 35 -27.83 3.13 -6.00
N VAL A 36 -27.48 3.23 -4.73
CA VAL A 36 -27.99 2.32 -3.73
C VAL A 36 -28.70 3.14 -2.67
N PRO A 37 -29.71 2.60 -1.97
CA PRO A 37 -30.33 3.40 -0.91
C PRO A 37 -29.42 3.57 0.33
N CYS A 38 -29.43 4.79 0.88
CA CYS A 38 -28.72 5.15 2.12
C CYS A 38 -29.58 6.08 2.91
N ARG A 39 -29.78 5.79 4.18
CA ARG A 39 -30.58 6.62 5.04
C ARG A 39 -29.70 7.63 5.82
N LYS A 40 -30.27 8.79 6.12
CA LYS A 40 -29.59 9.81 6.90
C LYS A 40 -30.58 10.27 7.98
N PHE A 41 -30.19 10.18 9.25
CA PHE A 41 -31.00 10.64 10.38
C PHE A 41 -30.92 12.20 10.46
N VAL A 42 -32.05 12.88 10.25
CA VAL A 42 -32.15 14.35 10.26
C VAL A 42 -33.02 14.81 11.44
N LYS A 43 -32.48 15.70 12.27
CA LYS A 43 -33.14 16.26 13.46
C LYS A 43 -34.30 17.17 13.13
N ILE A 44 -35.36 17.06 13.93
CA ILE A 44 -36.55 17.91 13.82
C ILE A 44 -36.16 19.36 14.21
N ASN A 45 -35.34 19.48 15.27
CA ASN A 45 -34.81 20.76 15.76
C ASN A 45 -33.59 20.51 16.64
N ASN A 46 -32.98 21.58 17.23
CA ASN A 46 -31.77 21.43 18.07
C ASN A 46 -32.05 21.50 19.57
N SER A 47 -33.31 21.36 19.94
CA SER A 47 -33.74 21.35 21.32
C SER A 47 -34.22 19.95 21.68
N THR A 48 -34.15 19.01 20.70
CA THR A 48 -34.60 17.63 20.84
C THR A 48 -33.61 16.60 20.29
N ASN A 49 -33.84 15.31 20.57
CA ASN A 49 -33.03 14.21 20.03
C ASN A 49 -33.86 13.55 18.96
N GLU A 50 -35.13 13.98 18.87
CA GLU A 50 -36.11 13.53 17.90
C GLU A 50 -35.66 13.92 16.50
N GLY A 51 -35.81 12.98 15.61
CA GLY A 51 -35.49 13.18 14.23
C GLY A 51 -36.08 12.08 13.40
N MET A 52 -35.79 12.13 12.11
CA MET A 52 -36.30 11.17 11.16
C MET A 52 -35.30 10.74 10.14
N ASN A 53 -35.40 9.47 9.72
CA ASN A 53 -34.56 8.92 8.67
C ASN A 53 -35.04 9.41 7.31
N VAL A 54 -34.14 10.00 6.55
CA VAL A 54 -34.45 10.49 5.22
C VAL A 54 -33.80 9.53 4.26
N LYS A 55 -34.60 9.01 3.34
CA LYS A 55 -34.15 8.07 2.34
C LYS A 55 -33.39 8.84 1.27
N LYS A 56 -32.10 8.49 1.07
CA LYS A 56 -31.23 9.11 0.07
C LYS A 56 -30.68 8.02 -0.86
N CYS A 57 -29.88 8.39 -1.84
CA CYS A 57 -29.29 7.47 -2.80
C CYS A 57 -27.82 7.73 -2.81
N CYS A 58 -27.02 6.67 -2.79
CA CYS A 58 -25.57 6.71 -2.73
C CYS A 58 -24.89 6.05 -3.95
N LYS A 59 -23.81 6.68 -4.46
CA LYS A 59 -22.97 6.15 -5.57
C LYS A 59 -21.53 6.61 -5.37
N GLY A 60 -20.63 6.08 -6.19
CA GLY A 60 -19.22 6.43 -6.11
C GLY A 60 -18.32 5.22 -6.13
N PHE A 61 -17.02 5.50 -6.16
CA PHE A 61 -15.96 4.50 -6.16
C PHE A 61 -16.15 3.50 -5.02
N CYS A 62 -16.33 4.00 -3.77
CA CYS A 62 -16.52 3.14 -2.58
C CYS A 62 -17.85 2.41 -2.57
N ILE A 63 -18.87 3.03 -3.19
CA ILE A 63 -20.18 2.40 -3.28
C ILE A 63 -20.10 1.23 -4.27
N ASP A 64 -19.34 1.37 -5.39
CA ASP A 64 -19.11 0.27 -6.34
C ASP A 64 -18.33 -0.88 -5.69
N ILE A 65 -17.34 -0.56 -4.82
CA ILE A 65 -16.59 -1.56 -4.06
C ILE A 65 -17.54 -2.32 -3.12
N LEU A 66 -18.47 -1.60 -2.44
CA LEU A 66 -19.46 -2.22 -1.55
C LEU A 66 -20.39 -3.17 -2.33
N LYS A 67 -20.83 -2.77 -3.55
CA LYS A 67 -21.67 -3.60 -4.41
C LYS A 67 -20.95 -4.88 -4.80
N LYS A 68 -19.64 -4.78 -5.19
CA LYS A 68 -18.84 -5.94 -5.57
C LYS A 68 -18.64 -6.87 -4.38
N LEU A 69 -18.37 -6.30 -3.18
CA LEU A 69 -18.17 -7.08 -1.96
C LEU A 69 -19.41 -7.79 -1.53
N SER A 70 -20.56 -7.10 -1.60
CA SER A 70 -21.85 -7.66 -1.24
C SER A 70 -22.20 -8.89 -2.11
N ARG A 71 -21.85 -8.82 -3.40
CA ARG A 71 -22.08 -9.86 -4.38
C ARG A 71 -21.10 -11.04 -4.17
N THR A 72 -19.79 -10.75 -4.03
CA THR A 72 -18.73 -11.74 -3.84
C THR A 72 -18.73 -12.42 -2.47
N VAL A 73 -18.84 -11.65 -1.39
CA VAL A 73 -18.80 -12.15 -0.01
C VAL A 73 -20.20 -12.63 0.43
N LYS A 74 -21.22 -12.35 -0.38
CA LYS A 74 -22.59 -12.82 -0.15
C LYS A 74 -23.22 -12.30 1.18
N PHE A 75 -23.49 -10.99 1.21
CA PHE A 75 -24.17 -10.34 2.32
C PHE A 75 -25.09 -9.28 1.74
N THR A 76 -26.13 -8.92 2.49
CA THR A 76 -27.05 -7.83 2.12
C THR A 76 -26.75 -6.77 3.17
N TYR A 77 -27.21 -5.53 2.96
CA TYR A 77 -26.90 -4.47 3.93
C TYR A 77 -27.94 -3.35 4.03
N ASP A 78 -27.87 -2.62 5.14
CA ASP A 78 -28.63 -1.42 5.41
C ASP A 78 -27.57 -0.28 5.57
N LEU A 79 -27.38 0.48 4.50
CA LEU A 79 -26.43 1.56 4.47
C LEU A 79 -26.97 2.86 5.09
N TYR A 80 -26.21 3.45 6.01
CA TYR A 80 -26.58 4.75 6.61
C TYR A 80 -25.38 5.67 6.63
N LEU A 81 -25.66 6.99 6.62
CA LEU A 81 -24.68 8.06 6.71
C LEU A 81 -24.45 8.48 8.16
N VAL A 82 -23.18 8.59 8.57
CA VAL A 82 -22.83 8.97 9.95
C VAL A 82 -23.28 10.43 10.21
N THR A 83 -23.83 10.71 11.39
CA THR A 83 -24.25 12.07 11.74
C THR A 83 -23.51 12.58 12.96
N ASN A 84 -22.79 11.70 13.68
CA ASN A 84 -22.00 12.08 14.85
C ASN A 84 -20.53 12.17 14.44
N GLY A 85 -20.14 13.31 13.94
CA GLY A 85 -18.77 13.50 13.48
C GLY A 85 -18.63 13.02 12.04
N LYS A 86 -17.38 12.87 11.58
CA LYS A 86 -17.11 12.52 10.19
C LYS A 86 -16.40 11.19 10.08
N HIS A 87 -15.12 11.18 9.65
CA HIS A 87 -14.35 9.95 9.47
C HIS A 87 -14.06 9.24 10.79
N GLY A 88 -13.54 9.96 11.78
CA GLY A 88 -13.25 9.40 13.10
C GLY A 88 -12.24 10.20 13.89
N LYS A 89 -12.63 10.66 15.10
CA LYS A 89 -11.75 11.40 16.00
C LYS A 89 -11.91 10.85 17.41
N LYS A 90 -10.80 10.68 18.13
CA LYS A 90 -10.76 10.19 19.51
C LYS A 90 -10.79 11.44 20.43
N VAL A 91 -11.84 11.60 21.22
CA VAL A 91 -11.95 12.72 22.16
C VAL A 91 -11.94 12.14 23.62
N ASN A 92 -10.82 12.32 24.36
CA ASN A 92 -10.69 11.79 25.74
C ASN A 92 -10.97 10.28 25.75
N ASN A 93 -10.41 9.58 24.75
CA ASN A 93 -10.57 8.14 24.57
C ASN A 93 -11.97 7.72 24.06
N VAL A 94 -12.83 8.68 23.66
CA VAL A 94 -14.14 8.36 23.09
C VAL A 94 -14.18 8.69 21.57
N TRP A 95 -14.27 7.64 20.73
CA TRP A 95 -14.33 7.78 19.26
C TRP A 95 -15.69 8.22 18.72
N ASN A 96 -15.68 9.19 17.80
CA ASN A 96 -16.87 9.63 17.07
C ASN A 96 -16.68 9.18 15.58
N GLY A 97 -17.50 9.71 14.68
CA GLY A 97 -17.44 9.42 13.25
C GLY A 97 -17.72 7.98 12.89
N MET A 98 -17.27 7.56 11.68
CA MET A 98 -17.45 6.19 11.18
C MET A 98 -16.70 5.21 12.06
N ILE A 99 -15.49 5.58 12.57
CA ILE A 99 -14.73 4.73 13.49
C ILE A 99 -15.57 4.44 14.73
N GLY A 100 -16.18 5.48 15.32
CA GLY A 100 -17.01 5.35 16.51
C GLY A 100 -18.20 4.44 16.34
N GLU A 101 -18.87 4.52 15.17
CA GLU A 101 -20.01 3.67 14.86
C GLU A 101 -19.63 2.20 14.86
N VAL A 102 -18.42 1.85 14.40
CA VAL A 102 -17.93 0.48 14.37
C VAL A 102 -17.52 0.03 15.79
N VAL A 103 -16.76 0.89 16.52
CA VAL A 103 -16.26 0.66 17.89
C VAL A 103 -17.42 0.32 18.81
N TYR A 104 -18.47 1.15 18.78
CA TYR A 104 -19.69 1.03 19.58
C TYR A 104 -20.75 0.13 18.96
N GLN A 105 -20.35 -0.70 17.97
CA GLN A 105 -21.12 -1.76 17.32
C GLN A 105 -22.47 -1.38 16.77
N ARG A 106 -22.62 -0.14 16.28
CA ARG A 106 -23.84 0.32 15.61
C ARG A 106 -23.69 -0.01 14.11
N ALA A 107 -22.47 -0.34 13.69
CA ALA A 107 -22.14 -0.72 12.31
C ALA A 107 -21.19 -1.92 12.33
N VAL A 108 -21.37 -2.82 11.37
CA VAL A 108 -20.52 -4.01 11.16
C VAL A 108 -19.24 -3.56 10.41
N MET A 109 -19.41 -2.62 9.48
CA MET A 109 -18.32 -2.04 8.73
C MET A 109 -18.58 -0.59 8.33
N ALA A 110 -17.48 0.13 8.07
CA ALA A 110 -17.46 1.52 7.62
C ALA A 110 -16.82 1.50 6.26
N VAL A 111 -17.56 1.97 5.27
CA VAL A 111 -17.12 2.02 3.87
C VAL A 111 -17.04 3.48 3.47
N GLY A 112 -15.93 3.91 2.92
CA GLY A 112 -15.76 5.28 2.46
C GLY A 112 -14.32 5.67 2.29
N SER A 113 -14.07 6.98 2.30
CA SER A 113 -12.75 7.58 2.17
C SER A 113 -12.09 7.59 3.56
N LEU A 114 -12.02 6.39 4.18
CA LEU A 114 -11.52 6.21 5.54
C LEU A 114 -10.07 5.78 5.60
N THR A 115 -9.22 6.69 6.06
CA THR A 115 -7.79 6.48 6.14
C THR A 115 -7.38 5.49 7.23
N ILE A 116 -6.52 4.54 6.85
CA ILE A 116 -5.93 3.57 7.76
C ILE A 116 -4.82 4.31 8.51
N ASN A 117 -4.80 4.22 9.83
CA ASN A 117 -3.69 4.77 10.64
C ASN A 117 -3.55 3.94 11.90
N GLU A 118 -2.42 4.08 12.60
CA GLU A 118 -2.13 3.28 13.77
C GLU A 118 -3.16 3.42 14.90
N GLU A 119 -3.53 4.64 15.34
CA GLU A 119 -4.47 4.73 16.45
C GLU A 119 -5.86 4.17 16.15
N ARG A 120 -6.35 4.29 14.89
CA ARG A 120 -7.64 3.69 14.53
C ARG A 120 -7.51 2.16 14.51
N SER A 121 -6.36 1.64 14.08
CA SER A 121 -6.12 0.20 14.03
C SER A 121 -6.09 -0.47 15.42
N GLU A 122 -5.91 0.33 16.50
CA GLU A 122 -5.92 -0.19 17.86
C GLU A 122 -7.35 -0.54 18.28
N VAL A 123 -8.38 0.14 17.70
CA VAL A 123 -9.77 -0.06 18.10
C VAL A 123 -10.66 -0.75 17.04
N VAL A 124 -10.22 -0.80 15.77
CA VAL A 124 -11.01 -1.47 14.72
C VAL A 124 -10.05 -2.33 13.91
N ASP A 125 -10.60 -3.29 13.16
CA ASP A 125 -9.81 -4.06 12.21
C ASP A 125 -9.96 -3.41 10.84
N PHE A 126 -8.85 -3.18 10.15
CA PHE A 126 -8.97 -2.65 8.80
C PHE A 126 -8.72 -3.78 7.78
N SER A 127 -9.42 -3.67 6.65
CA SER A 127 -9.24 -4.53 5.50
C SER A 127 -7.88 -4.15 4.86
N VAL A 128 -7.43 -4.92 3.86
CA VAL A 128 -6.26 -4.54 3.06
C VAL A 128 -6.63 -3.15 2.41
N PRO A 129 -5.65 -2.26 2.14
CA PRO A 129 -5.99 -0.96 1.49
C PRO A 129 -6.52 -1.15 0.06
N PHE A 130 -7.41 -0.28 -0.42
CA PHE A 130 -7.95 -0.44 -1.77
C PHE A 130 -7.85 0.84 -2.61
N VAL A 131 -7.39 1.96 -1.99
CA VAL A 131 -7.12 3.28 -2.60
C VAL A 131 -5.85 3.77 -1.95
N GLU A 132 -4.86 4.16 -2.76
CA GLU A 132 -3.60 4.70 -2.28
C GLU A 132 -3.79 6.18 -1.87
N THR A 133 -3.35 6.52 -0.66
CA THR A 133 -3.46 7.91 -0.22
C THR A 133 -2.32 8.28 0.73
N GLY A 134 -2.50 9.39 1.42
CA GLY A 134 -1.59 9.93 2.41
C GLY A 134 -1.87 11.40 2.51
N ILE A 135 -0.83 12.19 2.69
CA ILE A 135 -0.97 13.63 2.83
C ILE A 135 -0.33 14.33 1.65
N SER A 136 -1.11 15.19 0.99
CA SER A 136 -0.62 16.01 -0.12
C SER A 136 -0.86 17.50 0.18
N VAL A 137 -0.24 18.39 -0.62
CA VAL A 137 -0.29 19.83 -0.47
C VAL A 137 -0.79 20.42 -1.77
N MET A 138 -1.93 21.11 -1.71
CA MET A 138 -2.48 21.78 -2.86
C MET A 138 -2.10 23.24 -2.74
N VAL A 139 -1.63 23.81 -3.86
CA VAL A 139 -1.23 25.21 -4.02
C VAL A 139 -1.75 25.71 -5.40
N SER A 140 -1.80 27.04 -5.60
CA SER A 140 -2.12 27.61 -6.90
C SER A 140 -0.80 27.48 -7.68
N ARG A 141 -0.88 27.03 -8.93
CA ARG A 141 0.29 26.84 -9.83
C ARG A 141 1.29 28.00 -9.75
N GLY A 142 2.56 27.67 -9.49
CA GLY A 142 3.60 28.69 -9.35
C GLY A 142 4.12 28.88 -7.95
N THR A 143 3.35 28.43 -6.93
CA THR A 143 3.74 28.53 -5.52
C THR A 143 4.91 27.59 -5.27
N GLN A 144 6.00 28.14 -4.69
CA GLN A 144 7.24 27.41 -4.45
C GLN A 144 7.36 26.80 -3.05
N VAL A 145 7.04 25.50 -2.96
CA VAL A 145 7.14 24.65 -1.76
C VAL A 145 7.59 23.26 -2.18
N THR A 146 8.60 22.72 -1.49
CA THR A 146 9.14 21.39 -1.82
C THR A 146 8.20 20.28 -1.40
N GLY A 147 7.50 20.51 -0.30
CA GLY A 147 6.56 19.56 0.29
C GLY A 147 6.29 19.91 1.74
N LEU A 148 5.68 18.97 2.49
CA LEU A 148 5.33 19.07 3.91
C LEU A 148 6.50 19.46 4.83
N SER A 149 7.76 19.16 4.42
CA SER A 149 8.94 19.45 5.22
C SER A 149 9.66 20.73 4.81
N ASP A 150 9.05 21.53 3.90
CA ASP A 150 9.61 22.82 3.50
C ASP A 150 9.64 23.74 4.73
N LYS A 151 10.65 24.61 4.84
CA LYS A 151 10.81 25.53 5.97
C LYS A 151 9.67 26.56 6.10
N LYS A 152 8.91 26.78 5.01
CA LYS A 152 7.74 27.67 5.00
C LYS A 152 6.66 27.04 5.89
N PHE A 153 6.58 25.69 5.92
CA PHE A 153 5.63 24.95 6.76
C PHE A 153 6.20 24.73 8.17
N GLN A 154 7.44 24.26 8.23
CA GLN A 154 8.15 23.90 9.49
C GLN A 154 8.43 25.06 10.40
N ARG A 155 8.86 26.23 9.82
CA ARG A 155 9.18 27.44 10.59
C ARG A 155 8.46 28.61 9.92
N PRO A 156 7.12 28.72 10.02
CA PRO A 156 6.41 29.74 9.23
C PRO A 156 6.76 31.21 9.47
N HIS A 157 7.15 31.55 10.70
CA HIS A 157 7.45 32.94 11.06
C HIS A 157 8.84 33.43 10.63
N ASP A 158 9.65 32.58 9.97
CA ASP A 158 10.93 32.96 9.38
C ASP A 158 10.70 33.74 8.07
N TYR A 159 9.41 33.91 7.69
CA TYR A 159 9.00 34.53 6.43
C TYR A 159 8.12 35.74 6.66
N SER A 160 8.30 36.77 5.80
CA SER A 160 7.56 38.04 5.89
C SER A 160 6.83 38.39 4.57
N PRO A 161 5.48 38.28 4.52
CA PRO A 161 4.57 37.75 5.55
C PRO A 161 4.66 36.22 5.65
N PRO A 162 4.23 35.57 6.76
CA PRO A 162 4.33 34.10 6.83
C PRO A 162 3.34 33.39 5.89
N PHE A 163 3.70 32.20 5.45
CA PHE A 163 2.89 31.35 4.60
C PHE A 163 1.58 31.00 5.35
N ARG A 164 0.43 31.12 4.68
CA ARG A 164 -0.89 30.86 5.25
C ARG A 164 -1.35 29.50 4.74
N PHE A 165 -1.42 28.52 5.63
CA PHE A 165 -1.81 27.17 5.23
C PHE A 165 -2.61 26.49 6.34
N GLY A 166 -3.51 25.61 5.94
CA GLY A 166 -4.39 24.90 6.84
C GLY A 166 -4.90 23.59 6.26
N THR A 167 -5.67 22.87 7.08
CA THR A 167 -6.30 21.60 6.75
C THR A 167 -7.76 21.66 7.22
N VAL A 168 -8.51 20.55 7.00
CA VAL A 168 -9.85 20.43 7.54
C VAL A 168 -9.55 19.65 8.80
N PRO A 169 -9.81 20.20 10.01
CA PRO A 169 -9.40 19.50 11.24
C PRO A 169 -10.17 18.20 11.50
N ASN A 170 -9.71 17.43 12.52
CA ASN A 170 -10.35 16.27 13.14
C ASN A 170 -10.24 14.96 12.40
N GLY A 171 -9.48 14.97 11.31
CA GLY A 171 -9.24 13.75 10.54
C GLY A 171 -7.82 13.26 10.70
N SER A 172 -7.44 12.27 9.91
CA SER A 172 -6.11 11.66 9.94
C SER A 172 -4.99 12.63 9.54
N THR A 173 -5.26 13.63 8.65
CA THR A 173 -4.21 14.61 8.28
C THR A 173 -3.79 15.46 9.49
N GLU A 174 -4.76 16.11 10.15
CA GLU A 174 -4.50 16.92 11.35
C GLU A 174 -3.80 16.08 12.42
N ARG A 175 -4.27 14.81 12.67
CA ARG A 175 -3.68 13.92 13.66
CA ARG A 175 -3.67 13.92 13.67
C ARG A 175 -2.20 13.66 13.36
N ASN A 176 -1.87 13.42 12.08
CA ASN A 176 -0.50 13.17 11.68
C ASN A 176 0.38 14.41 11.93
N ILE A 177 -0.07 15.59 11.48
CA ILE A 177 0.67 16.84 11.65
C ILE A 177 0.88 17.13 13.15
N ARG A 178 -0.17 16.93 13.98
CA ARG A 178 -0.12 17.12 15.43
C ARG A 178 0.97 16.23 16.06
N ASN A 179 1.08 14.99 15.58
CA ASN A 179 2.08 14.03 16.05
C ASN A 179 3.49 14.33 15.59
N ASN A 180 3.67 14.79 14.35
CA ASN A 180 5.00 14.95 13.77
C ASN A 180 5.59 16.32 13.81
N TYR A 181 4.76 17.36 13.66
CA TYR A 181 5.26 18.71 13.54
C TYR A 181 4.53 19.64 14.51
N PRO A 182 4.94 19.62 15.81
CA PRO A 182 4.20 20.40 16.81
C PRO A 182 4.13 21.90 16.55
N TYR A 183 5.25 22.55 16.10
CA TYR A 183 5.17 23.99 15.82
C TYR A 183 4.20 24.32 14.68
N MET A 184 4.31 23.52 13.59
CA MET A 184 3.48 23.66 12.39
CA MET A 184 3.48 23.65 12.39
C MET A 184 1.99 23.52 12.75
N HIS A 185 1.64 22.51 13.57
CA HIS A 185 0.26 22.26 13.99
C HIS A 185 -0.37 23.44 14.77
N GLN A 186 0.30 23.90 15.85
CA GLN A 186 -0.21 25.02 16.67
C GLN A 186 -0.31 26.30 15.83
N TYR A 187 0.55 26.45 14.80
CA TYR A 187 0.52 27.59 13.89
C TYR A 187 -0.69 27.53 12.93
N MET A 188 -0.91 26.38 12.29
CA MET A 188 -1.98 26.13 11.30
C MET A 188 -3.40 26.31 11.79
N THR A 189 -3.65 26.11 13.10
CA THR A 189 -5.02 26.06 13.61
C THR A 189 -5.84 27.30 13.28
N LYS A 190 -5.22 28.51 13.20
CA LYS A 190 -5.97 29.71 12.79
C LYS A 190 -6.47 29.61 11.34
N PHE A 191 -5.88 28.68 10.55
CA PHE A 191 -6.26 28.50 9.15
C PHE A 191 -7.08 27.24 8.91
N ASN A 192 -7.67 26.67 9.96
CA ASN A 192 -8.60 25.54 9.88
C ASN A 192 -9.73 25.90 8.91
N GLN A 193 -10.04 24.96 8.00
CA GLN A 193 -11.05 25.07 6.95
C GLN A 193 -12.24 24.21 7.34
N LYS A 194 -13.49 24.70 7.16
CA LYS A 194 -14.70 23.94 7.50
C LYS A 194 -14.85 22.66 6.68
N GLY A 195 -14.35 22.69 5.45
CA GLY A 195 -14.42 21.58 4.52
C GLY A 195 -13.58 21.87 3.30
N VAL A 196 -13.46 20.88 2.39
CA VAL A 196 -12.71 20.95 1.14
C VAL A 196 -13.20 22.07 0.21
N GLU A 197 -14.53 22.26 0.09
CA GLU A 197 -15.04 23.30 -0.82
C GLU A 197 -14.63 24.71 -0.37
N ASP A 198 -14.73 24.98 0.94
CA ASP A 198 -14.29 26.26 1.53
C ASP A 198 -12.80 26.47 1.33
N ALA A 199 -11.99 25.40 1.49
CA ALA A 199 -10.53 25.49 1.36
C ALA A 199 -10.10 25.86 -0.06
N LEU A 200 -10.66 25.18 -1.08
CA LEU A 200 -10.38 25.41 -2.48
C LEU A 200 -10.70 26.89 -2.82
N VAL A 201 -11.88 27.41 -2.38
CA VAL A 201 -12.32 28.79 -2.59
C VAL A 201 -11.33 29.77 -1.87
N SER A 202 -10.84 29.46 -0.66
CA SER A 202 -9.82 30.27 0.02
C SER A 202 -8.51 30.27 -0.82
N LEU A 203 -8.14 29.11 -1.45
CA LEU A 203 -6.96 29.04 -2.31
C LEU A 203 -7.13 29.92 -3.56
N LYS A 204 -8.36 30.01 -4.10
CA LYS A 204 -8.69 30.80 -5.28
C LYS A 204 -8.90 32.29 -4.97
N THR A 205 -9.49 32.64 -3.79
CA THR A 205 -9.74 34.04 -3.39
C THR A 205 -8.48 34.70 -2.81
N GLY A 206 -7.36 33.98 -2.83
CA GLY A 206 -6.07 34.43 -2.30
C GLY A 206 -5.99 34.56 -0.79
N LYS A 207 -6.90 33.90 -0.02
CA LYS A 207 -6.90 33.96 1.44
C LYS A 207 -6.06 32.83 2.10
N LEU A 208 -5.62 31.86 1.27
CA LEU A 208 -4.80 30.71 1.66
C LEU A 208 -3.71 30.52 0.64
N ASP A 209 -2.50 30.16 1.08
CA ASP A 209 -1.36 29.88 0.21
C ASP A 209 -1.24 28.38 -0.08
N ALA A 210 -1.56 27.52 0.89
CA ALA A 210 -1.51 26.07 0.70
C ALA A 210 -2.62 25.36 1.48
N PHE A 211 -3.11 24.23 0.96
CA PHE A 211 -4.13 23.41 1.61
C PHE A 211 -3.60 21.99 1.69
N ILE A 212 -3.40 21.52 2.91
CA ILE A 212 -2.85 20.20 3.22
C ILE A 212 -4.04 19.27 3.58
N TYR A 213 -4.11 18.13 2.89
CA TYR A 213 -5.25 17.21 3.04
C TYR A 213 -4.91 15.85 2.43
N ASP A 214 -5.86 14.93 2.56
CA ASP A 214 -5.86 13.58 2.00
C ASP A 214 -5.43 13.61 0.54
N ALA A 215 -4.34 12.90 0.21
CA ALA A 215 -3.78 12.78 -1.15
C ALA A 215 -4.81 12.37 -2.23
N ALA A 216 -5.61 11.33 -1.99
CA ALA A 216 -6.59 10.87 -2.99
C ALA A 216 -7.64 11.92 -3.36
N VAL A 217 -8.20 12.61 -2.35
CA VAL A 217 -9.20 13.66 -2.58
C VAL A 217 -8.55 14.88 -3.31
N LEU A 218 -7.32 15.28 -2.93
CA LEU A 218 -6.66 16.41 -3.58
C LEU A 218 -6.29 16.14 -5.04
N ASN A 219 -5.79 14.94 -5.34
CA ASN A 219 -5.46 14.49 -6.69
C ASN A 219 -6.71 14.55 -7.57
N TYR A 220 -7.87 14.12 -7.03
CA TYR A 220 -9.13 14.18 -7.76
C TYR A 220 -9.53 15.64 -8.04
N LYS A 221 -9.57 16.49 -6.99
CA LYS A 221 -9.90 17.91 -7.10
C LYS A 221 -8.93 18.66 -8.07
N ALA A 222 -7.61 18.30 -8.08
CA ALA A 222 -6.65 18.93 -9.00
C ALA A 222 -6.97 18.53 -10.44
N GLY A 223 -7.38 17.28 -10.63
CA GLY A 223 -7.72 16.75 -11.95
C GLY A 223 -8.93 17.36 -12.61
N ARG A 224 -9.84 17.98 -11.82
CA ARG A 224 -11.10 18.57 -12.29
CA ARG A 224 -11.06 18.59 -12.35
C ARG A 224 -11.13 20.10 -12.12
N ASP A 225 -10.05 20.71 -11.56
CA ASP A 225 -10.03 22.15 -11.32
C ASP A 225 -10.21 22.94 -12.62
N GLU A 226 -11.15 23.89 -12.60
CA GLU A 226 -11.49 24.75 -13.75
C GLU A 226 -10.30 25.63 -14.10
N GLY A 227 -9.75 25.43 -15.30
CA GLY A 227 -8.57 26.15 -15.76
C GLY A 227 -7.25 25.57 -15.26
N CYS A 228 -7.33 24.45 -14.49
CA CYS A 228 -6.18 23.74 -13.91
C CYS A 228 -5.19 24.65 -13.13
N LYS A 229 -5.76 25.62 -12.42
CA LYS A 229 -5.04 26.59 -11.59
C LYS A 229 -4.46 25.97 -10.30
N LEU A 230 -5.23 25.08 -9.64
CA LEU A 230 -4.85 24.43 -8.38
C LEU A 230 -4.17 23.08 -8.65
N VAL A 231 -2.97 22.89 -8.07
CA VAL A 231 -2.14 21.71 -8.30
C VAL A 231 -1.63 21.08 -6.99
N THR A 232 -1.27 19.78 -7.01
CA THR A 232 -0.61 19.12 -5.86
C THR A 232 0.89 19.17 -6.13
N ILE A 233 1.71 19.50 -5.10
CA ILE A 233 3.18 19.63 -5.25
C ILE A 233 3.86 18.28 -5.56
N GLY A 234 4.98 18.38 -6.28
CA GLY A 234 5.74 17.24 -6.79
C GLY A 234 5.00 16.66 -7.97
N SER A 235 5.12 15.35 -8.19
CA SER A 235 4.33 14.69 -9.24
C SER A 235 3.11 14.07 -8.54
N GLY A 236 2.55 14.83 -7.59
CA GLY A 236 1.47 14.42 -6.70
C GLY A 236 2.08 13.57 -5.61
N TYR A 237 3.14 14.11 -4.94
CA TYR A 237 3.90 13.42 -3.88
C TYR A 237 3.07 13.15 -2.63
N ILE A 238 3.30 11.99 -2.00
CA ILE A 238 2.56 11.57 -0.82
C ILE A 238 3.46 11.33 0.40
N PHE A 239 3.27 12.15 1.46
CA PHE A 239 3.93 11.99 2.74
C PHE A 239 3.00 11.10 3.55
N ALA A 240 3.56 10.34 4.54
CA ALA A 240 2.83 9.41 5.40
C ALA A 240 1.88 8.54 4.56
N THR A 241 2.45 7.86 3.55
CA THR A 241 1.74 7.01 2.61
C THR A 241 0.91 5.99 3.36
N THR A 242 -0.36 5.89 2.96
CA THR A 242 -1.29 4.97 3.58
C THR A 242 -2.36 4.59 2.56
N GLY A 243 -3.50 4.09 3.01
CA GLY A 243 -4.58 3.79 2.08
C GLY A 243 -5.92 3.92 2.74
N TYR A 244 -7.01 3.85 1.92
CA TYR A 244 -8.34 3.76 2.51
C TYR A 244 -8.54 2.27 2.78
N GLY A 245 -9.23 1.93 3.84
CA GLY A 245 -9.57 0.55 4.13
C GLY A 245 -10.98 0.50 4.68
N ILE A 246 -11.59 -0.68 4.68
CA ILE A 246 -12.90 -0.88 5.28
C ILE A 246 -12.65 -1.17 6.77
N ALA A 247 -13.30 -0.43 7.67
CA ALA A 247 -13.14 -0.68 9.10
C ALA A 247 -14.19 -1.69 9.52
N LEU A 248 -13.75 -2.71 10.27
CA LEU A 248 -14.59 -3.78 10.78
C LEU A 248 -14.32 -3.87 12.24
N GLN A 249 -15.25 -4.46 12.99
CA GLN A 249 -15.10 -4.61 14.43
C GLN A 249 -13.92 -5.55 14.68
N LYS A 250 -13.14 -5.34 15.75
CA LYS A 250 -12.01 -6.20 16.10
C LYS A 250 -12.52 -7.63 16.23
N GLY A 251 -11.84 -8.56 15.58
CA GLY A 251 -12.20 -9.97 15.58
C GLY A 251 -13.32 -10.35 14.64
N SER A 252 -13.72 -9.42 13.76
CA SER A 252 -14.80 -9.58 12.78
C SER A 252 -14.68 -10.88 11.96
N PRO A 253 -15.76 -11.68 11.85
CA PRO A 253 -15.70 -12.87 10.98
C PRO A 253 -15.70 -12.52 9.49
N TRP A 254 -16.01 -11.25 9.15
CA TRP A 254 -16.11 -10.77 7.77
C TRP A 254 -14.81 -10.37 7.09
N LYS A 255 -13.76 -10.05 7.87
CA LYS A 255 -12.45 -9.56 7.35
C LYS A 255 -11.77 -10.47 6.34
N ARG A 256 -11.64 -11.77 6.67
CA ARG A 256 -10.98 -12.76 5.82
CA ARG A 256 -10.99 -12.77 5.83
C ARG A 256 -11.52 -12.71 4.39
N GLN A 257 -12.83 -12.87 4.22
CA GLN A 257 -13.46 -12.85 2.90
C GLN A 257 -13.39 -11.52 2.19
N ILE A 258 -13.50 -10.40 2.93
CA ILE A 258 -13.41 -9.05 2.34
C ILE A 258 -12.01 -8.82 1.80
N ASP A 259 -10.96 -9.18 2.58
CA ASP A 259 -9.57 -9.07 2.11
C ASP A 259 -9.34 -9.90 0.87
N LEU A 260 -9.83 -11.13 0.87
CA LEU A 260 -9.66 -12.04 -0.26
C LEU A 260 -10.36 -11.51 -1.50
N ALA A 261 -11.57 -10.96 -1.32
CA ALA A 261 -12.34 -10.34 -2.43
C ALA A 261 -11.63 -9.08 -2.97
N LEU A 262 -11.13 -8.18 -2.06
CA LEU A 262 -10.40 -6.99 -2.54
C LEU A 262 -9.12 -7.37 -3.32
N LEU A 263 -8.37 -8.37 -2.83
CA LEU A 263 -7.17 -8.84 -3.54
C LEU A 263 -7.55 -9.46 -4.87
N GLN A 264 -8.66 -10.20 -4.91
CA GLN A 264 -9.18 -10.78 -6.18
C GLN A 264 -9.52 -9.63 -7.19
N PHE A 265 -10.20 -8.54 -6.71
CA PHE A 265 -10.56 -7.40 -7.58
C PHE A 265 -9.37 -6.73 -8.21
N VAL A 266 -8.27 -6.58 -7.45
CA VAL A 266 -7.04 -5.97 -7.97
C VAL A 266 -6.42 -6.84 -9.07
N GLY A 267 -6.27 -8.14 -8.78
CA GLY A 267 -5.70 -9.11 -9.70
C GLY A 267 -6.41 -9.18 -11.05
N ASP A 268 -7.75 -9.07 -11.04
CA ASP A 268 -8.60 -9.15 -12.24
C ASP A 268 -8.74 -7.83 -13.03
N GLY A 269 -8.04 -6.78 -12.60
CA GLY A 269 -8.10 -5.45 -13.23
C GLY A 269 -9.40 -4.70 -13.00
N GLU A 270 -10.23 -5.20 -12.06
CA GLU A 270 -11.52 -4.59 -11.71
C GLU A 270 -11.34 -3.30 -10.89
N MET A 271 -10.17 -3.14 -10.21
CA MET A 271 -9.89 -1.92 -9.45
C MET A 271 -9.49 -0.80 -10.38
N GLU A 272 -8.67 -1.13 -11.39
CA GLU A 272 -8.20 -0.21 -12.41
C GLU A 272 -9.38 0.41 -13.15
N GLU A 273 -10.44 -0.38 -13.40
CA GLU A 273 -11.64 0.10 -14.07
C GLU A 273 -12.32 1.19 -13.23
N LEU A 274 -12.48 0.94 -11.90
CA LEU A 274 -13.09 1.88 -10.97
C LEU A 274 -12.31 3.20 -10.89
N GLU A 275 -10.98 3.13 -10.98
CA GLU A 275 -10.08 4.27 -10.98
C GLU A 275 -10.34 5.09 -12.23
N THR A 276 -10.49 4.42 -13.41
CA THR A 276 -10.79 5.07 -14.70
C THR A 276 -12.14 5.75 -14.65
N LEU A 277 -13.15 5.05 -14.14
CA LEU A 277 -14.52 5.54 -14.04
C LEU A 277 -14.74 6.71 -13.09
N TRP A 278 -14.09 6.71 -11.92
CA TRP A 278 -14.36 7.71 -10.90
C TRP A 278 -13.29 8.74 -10.58
N LEU A 279 -12.00 8.42 -10.72
CA LEU A 279 -10.94 9.29 -10.21
C LEU A 279 -10.17 10.15 -11.24
N THR A 280 -9.98 9.63 -12.46
CA THR A 280 -9.25 10.36 -13.52
C THR A 280 -9.96 11.69 -13.89
N GLY A 281 -9.17 12.65 -14.37
CA GLY A 281 -9.69 13.96 -14.75
C GLY A 281 -9.04 14.56 -15.98
N ILE A 282 -9.45 15.82 -16.30
CA ILE A 282 -8.95 16.64 -17.41
C ILE A 282 -7.48 17.08 -17.17
N CYS A 283 -7.21 17.71 -15.99
CA CYS A 283 -5.89 18.20 -15.59
C CYS A 283 -5.00 17.06 -15.15
N MET B 3 17.05 -24.82 23.50
CA MET B 3 16.39 -23.90 24.46
C MET B 3 15.88 -22.60 23.82
N SER B 4 16.40 -22.25 22.63
CA SER B 4 16.09 -21.06 21.84
C SER B 4 14.61 -20.85 21.54
N THR B 5 14.09 -19.70 21.95
CA THR B 5 12.71 -19.28 21.68
C THR B 5 12.74 -18.14 20.66
N ARG B 6 13.92 -17.97 20.00
CA ARG B 6 14.17 -16.99 18.96
C ARG B 6 13.30 -17.23 17.73
N LEU B 7 12.74 -16.16 17.16
CA LEU B 7 11.93 -16.26 15.95
C LEU B 7 12.84 -16.59 14.78
N LYS B 8 12.44 -17.55 13.94
CA LYS B 8 13.24 -17.89 12.77
C LYS B 8 12.76 -17.03 11.62
N ILE B 9 13.67 -16.20 11.10
CA ILE B 9 13.32 -15.30 10.02
C ILE B 9 13.87 -15.82 8.72
N VAL B 10 13.00 -15.91 7.72
CA VAL B 10 13.43 -16.30 6.40
C VAL B 10 13.43 -15.07 5.54
N THR B 11 14.48 -14.94 4.73
CA THR B 11 14.57 -13.86 3.76
C THR B 11 15.12 -14.43 2.46
N ILE B 12 15.33 -13.60 1.49
CA ILE B 12 15.83 -13.97 0.16
C ILE B 12 16.80 -12.89 -0.31
N HIS B 13 17.79 -13.26 -1.13
CA HIS B 13 18.71 -12.29 -1.71
C HIS B 13 17.94 -11.48 -2.74
N GLN B 14 17.78 -10.17 -2.51
CA GLN B 14 17.04 -9.30 -3.42
C GLN B 14 17.39 -7.83 -3.19
N GLU B 15 18.42 -7.34 -3.89
CA GLU B 15 18.87 -5.95 -3.75
C GLU B 15 17.82 -4.98 -4.33
N PRO B 16 17.57 -3.80 -3.72
CA PRO B 16 18.20 -3.18 -2.55
C PRO B 16 17.59 -3.53 -1.19
N PHE B 17 16.67 -4.49 -1.15
CA PHE B 17 15.99 -4.91 0.08
C PHE B 17 16.84 -5.80 0.94
N VAL B 18 17.55 -6.75 0.32
CA VAL B 18 18.39 -7.72 1.01
C VAL B 18 19.65 -7.97 0.16
N TYR B 19 20.79 -7.54 0.67
CA TYR B 19 22.10 -7.75 0.08
C TYR B 19 22.62 -8.97 0.81
N VAL B 20 23.36 -9.83 0.12
CA VAL B 20 23.95 -11.01 0.74
C VAL B 20 25.41 -11.01 0.36
N LYS B 21 26.30 -11.06 1.37
CA LYS B 21 27.74 -10.99 1.16
C LYS B 21 28.48 -12.01 2.02
N PRO B 22 29.71 -12.42 1.66
CA PRO B 22 30.42 -13.36 2.55
C PRO B 22 30.92 -12.61 3.77
N THR B 23 31.03 -13.33 4.88
CA THR B 23 31.57 -12.83 6.14
C THR B 23 33.08 -12.69 5.91
N LEU B 24 33.80 -12.12 6.89
CA LEU B 24 35.26 -12.04 6.80
C LEU B 24 35.77 -13.38 7.34
N SER B 25 37.08 -13.63 7.30
CA SER B 25 37.63 -14.90 7.81
C SER B 25 37.40 -15.10 9.33
N ASP B 26 37.21 -14.01 10.09
CA ASP B 26 36.93 -14.13 11.53
C ASP B 26 35.45 -14.49 11.81
N GLY B 27 34.62 -14.47 10.76
CA GLY B 27 33.19 -14.78 10.83
C GLY B 27 32.30 -13.57 11.08
N THR B 28 32.88 -12.35 11.08
CA THR B 28 32.10 -11.13 11.29
C THR B 28 31.79 -10.46 9.95
N CYS B 29 31.00 -9.38 9.99
CA CYS B 29 30.57 -8.61 8.81
C CYS B 29 31.39 -7.34 8.69
N LYS B 30 31.94 -7.09 7.47
CA LYS B 30 32.75 -5.90 7.16
C LYS B 30 31.99 -4.66 7.58
N GLU B 31 32.62 -3.84 8.45
CA GLU B 31 32.03 -2.57 8.92
C GLU B 31 31.98 -1.59 7.75
N GLU B 32 30.77 -1.24 7.29
CA GLU B 32 30.56 -0.32 6.16
C GLU B 32 29.68 0.84 6.62
N PHE B 33 29.66 1.94 5.85
CA PHE B 33 28.91 3.14 6.20
C PHE B 33 28.09 3.63 5.04
N THR B 34 27.02 4.36 5.32
CA THR B 34 26.18 4.96 4.29
C THR B 34 26.89 6.27 3.85
N VAL B 35 26.30 7.01 2.89
CA VAL B 35 26.88 8.29 2.47
C VAL B 35 26.64 9.32 3.60
N ASN B 36 25.51 9.14 4.34
CA ASN B 36 25.07 9.91 5.51
C ASN B 36 26.03 9.74 6.71
N GLY B 37 27.06 8.88 6.54
CA GLY B 37 28.10 8.57 7.52
C GLY B 37 27.68 7.59 8.59
N ASP B 38 26.42 7.12 8.53
CA ASP B 38 25.87 6.18 9.51
C ASP B 38 26.32 4.73 9.23
N PRO B 39 26.59 3.93 10.28
CA PRO B 39 27.00 2.52 10.02
C PRO B 39 25.86 1.66 9.47
N VAL B 40 26.16 0.86 8.42
CA VAL B 40 25.20 -0.08 7.81
C VAL B 40 24.97 -1.19 8.84
N LYS B 41 23.74 -1.36 9.33
CA LYS B 41 23.43 -2.43 10.29
C LYS B 41 23.48 -3.76 9.53
N LYS B 42 24.16 -4.76 10.08
CA LYS B 42 24.29 -6.03 9.37
C LYS B 42 23.92 -7.19 10.25
N VAL B 43 23.42 -8.27 9.64
CA VAL B 43 23.07 -9.48 10.39
C VAL B 43 23.72 -10.70 9.78
N ILE B 44 24.02 -11.69 10.61
CA ILE B 44 24.54 -12.97 10.14
C ILE B 44 23.32 -13.72 9.67
N CYS B 45 23.35 -14.18 8.41
CA CYS B 45 22.28 -14.96 7.80
C CYS B 45 22.88 -16.21 7.19
N THR B 46 22.49 -17.38 7.70
CA THR B 46 22.95 -18.68 7.17
C THR B 46 22.20 -19.01 5.87
N GLY B 47 22.88 -19.64 4.94
CA GLY B 47 22.27 -19.98 3.66
C GLY B 47 23.11 -20.94 2.84
N PRO B 48 22.48 -21.60 1.83
CA PRO B 48 23.24 -22.54 0.98
C PRO B 48 24.30 -21.83 0.15
N ASN B 49 25.47 -22.46 -0.05
CA ASN B 49 26.49 -21.83 -0.89
C ASN B 49 26.24 -22.16 -2.36
N ASP B 50 26.02 -23.45 -2.69
CA ASP B 50 25.72 -23.94 -4.05
C ASP B 50 24.28 -23.57 -4.45
N THR B 51 24.13 -22.46 -5.19
CA THR B 51 22.84 -21.93 -5.64
C THR B 51 22.11 -22.80 -6.71
N SER B 52 22.85 -23.71 -7.39
CA SER B 52 22.37 -24.61 -8.46
C SER B 52 21.16 -25.53 -8.09
N PRO B 53 20.20 -25.77 -9.01
CA PRO B 53 19.03 -26.60 -8.66
C PRO B 53 19.25 -28.12 -8.75
N GLY B 54 18.64 -28.85 -7.81
CA GLY B 54 18.75 -30.30 -7.70
C GLY B 54 20.09 -30.75 -7.16
N SER B 55 20.82 -29.80 -6.56
CA SER B 55 22.16 -30.00 -6.02
C SER B 55 22.21 -29.96 -4.50
N PRO B 56 23.23 -30.62 -3.85
CA PRO B 56 23.35 -30.55 -2.37
C PRO B 56 23.59 -29.14 -1.87
N ARG B 57 22.90 -28.77 -0.77
CA ARG B 57 22.96 -27.45 -0.15
C ARG B 57 23.81 -27.43 1.10
N HIS B 58 24.98 -26.81 1.01
CA HIS B 58 25.86 -26.67 2.16
C HIS B 58 25.63 -25.30 2.76
N THR B 59 25.04 -25.28 3.95
CA THR B 59 24.69 -24.07 4.69
C THR B 59 25.92 -23.45 5.37
N VAL B 60 26.15 -22.15 5.10
CA VAL B 60 27.25 -21.35 5.68
C VAL B 60 26.76 -19.98 6.19
N PRO B 61 27.35 -19.45 7.29
CA PRO B 61 26.98 -18.09 7.73
C PRO B 61 27.42 -17.08 6.68
N GLN B 62 26.56 -16.09 6.40
CA GLN B 62 26.79 -15.02 5.43
C GLN B 62 26.33 -13.72 6.07
N CYS B 63 26.53 -12.56 5.40
CA CYS B 63 26.14 -11.24 5.90
C CYS B 63 24.97 -10.68 5.14
N CYS B 64 23.91 -10.29 5.84
CA CYS B 64 22.70 -9.73 5.24
C CYS B 64 22.49 -8.30 5.69
N TYR B 65 22.12 -7.41 4.76
CA TYR B 65 21.79 -6.01 5.03
C TYR B 65 20.86 -5.41 3.99
N GLY B 66 20.25 -4.27 4.30
CA GLY B 66 19.37 -3.63 3.34
C GLY B 66 18.10 -3.14 3.96
N PHE B 67 17.20 -2.63 3.11
CA PHE B 67 15.89 -2.11 3.51
C PHE B 67 15.16 -3.08 4.43
N CYS B 68 15.02 -4.37 4.04
CA CYS B 68 14.31 -5.40 4.83
C CYS B 68 14.99 -5.76 6.16
N ILE B 69 16.33 -5.69 6.23
CA ILE B 69 17.07 -6.00 7.46
C ILE B 69 16.90 -4.85 8.47
N ASP B 70 16.98 -3.60 8.00
CA ASP B 70 16.72 -2.41 8.80
C ASP B 70 15.30 -2.47 9.33
N LEU B 71 14.33 -2.91 8.49
CA LEU B 71 12.95 -3.05 8.92
C LEU B 71 12.78 -4.13 10.01
N LEU B 72 13.51 -5.26 9.89
CA LEU B 72 13.47 -6.35 10.85
C LEU B 72 13.99 -5.86 12.21
N ILE B 73 15.16 -5.20 12.19
CA ILE B 73 15.77 -4.63 13.40
C ILE B 73 14.78 -3.72 14.15
N LYS B 74 14.10 -2.82 13.43
CA LYS B 74 13.08 -1.92 14.01
C LYS B 74 11.91 -2.70 14.59
N LEU B 75 11.39 -3.71 13.87
CA LEU B 75 10.30 -4.56 14.35
C LEU B 75 10.70 -5.29 15.62
N ALA B 76 11.90 -5.92 15.63
CA ALA B 76 12.42 -6.64 16.80
C ALA B 76 12.60 -5.68 17.98
N ARG B 77 13.11 -4.45 17.72
CA ARG B 77 13.30 -3.43 18.76
C ARG B 77 11.99 -2.98 19.37
N THR B 78 11.01 -2.64 18.51
CA THR B 78 9.69 -2.15 18.86
C THR B 78 8.88 -3.18 19.65
N MET B 79 8.88 -4.43 19.19
CA MET B 79 8.08 -5.51 19.77
C MET B 79 8.83 -6.38 20.78
N ASN B 80 10.16 -6.18 20.91
CA ASN B 80 11.01 -6.91 21.86
C ASN B 80 11.05 -8.43 21.59
N PHE B 81 11.38 -8.82 20.36
CA PHE B 81 11.54 -10.23 20.08
C PHE B 81 12.98 -10.48 19.67
N THR B 82 13.46 -11.70 19.92
CA THR B 82 14.82 -12.11 19.55
C THR B 82 14.65 -12.94 18.29
N TYR B 83 15.68 -13.03 17.46
CA TYR B 83 15.53 -13.71 16.18
C TYR B 83 16.84 -14.25 15.63
N GLU B 84 16.74 -15.04 14.55
CA GLU B 84 17.88 -15.55 13.81
C GLU B 84 17.46 -15.63 12.37
N VAL B 85 18.29 -15.11 11.48
CA VAL B 85 18.00 -15.01 10.03
C VAL B 85 18.64 -16.11 9.18
N HIS B 86 17.88 -16.60 8.20
CA HIS B 86 18.40 -17.54 7.19
C HIS B 86 17.80 -17.24 5.84
N LEU B 87 18.52 -17.58 4.78
CA LEU B 87 18.06 -17.40 3.40
C LEU B 87 17.33 -18.68 2.97
N VAL B 88 16.18 -18.52 2.30
CA VAL B 88 15.34 -19.62 1.82
C VAL B 88 16.19 -20.67 1.07
N ALA B 89 16.18 -21.90 1.57
CA ALA B 89 17.00 -22.99 1.04
C ALA B 89 16.87 -23.21 -0.47
N ASP B 90 15.66 -23.05 -1.04
CA ASP B 90 15.43 -23.28 -2.46
C ASP B 90 15.59 -22.02 -3.33
N GLY B 91 15.90 -20.88 -2.68
CA GLY B 91 16.09 -19.59 -3.32
C GLY B 91 14.87 -18.97 -3.97
N LYS B 92 13.64 -19.43 -3.61
CA LYS B 92 12.41 -18.92 -4.26
C LYS B 92 11.47 -18.11 -3.33
N PHE B 93 10.59 -17.29 -3.93
CA PHE B 93 9.58 -16.53 -3.18
C PHE B 93 8.48 -17.44 -2.72
N GLY B 94 7.87 -18.18 -3.65
CA GLY B 94 6.84 -19.13 -3.26
C GLY B 94 5.55 -19.12 -4.04
N THR B 95 5.26 -20.28 -4.65
CA THR B 95 4.03 -20.60 -5.37
C THR B 95 3.48 -21.93 -4.86
N GLN B 96 2.18 -22.16 -5.10
CA GLN B 96 1.54 -23.41 -4.74
C GLN B 96 1.47 -24.23 -6.03
N GLU B 97 2.16 -25.39 -6.04
CA GLU B 97 2.22 -26.26 -7.22
C GLU B 97 1.59 -27.62 -6.94
N ARG B 98 1.11 -28.29 -8.00
CA ARG B 98 0.53 -29.62 -7.92
C ARG B 98 1.70 -30.61 -7.80
N VAL B 99 1.61 -31.52 -6.81
CA VAL B 99 2.63 -32.51 -6.49
C VAL B 99 2.67 -33.62 -7.56
N ASN B 103 -2.52 -35.06 -7.14
CA ASN B 103 -3.72 -34.58 -6.45
C ASN B 103 -3.42 -33.53 -5.34
N LYS B 104 -2.38 -33.78 -4.52
CA LYS B 104 -1.95 -32.88 -3.45
C LYS B 104 -1.26 -31.63 -4.02
N LYS B 105 -1.36 -30.50 -3.30
CA LYS B 105 -0.71 -29.24 -3.68
C LYS B 105 0.30 -28.87 -2.60
N GLU B 106 1.42 -28.24 -2.99
CA GLU B 106 2.43 -27.83 -2.01
C GLU B 106 2.97 -26.44 -2.29
N TRP B 107 3.30 -25.72 -1.22
CA TRP B 107 3.95 -24.40 -1.33
C TRP B 107 5.45 -24.61 -1.29
N ASN B 108 6.13 -23.89 -2.15
CA ASN B 108 7.57 -23.89 -2.17
C ASN B 108 8.03 -22.49 -1.65
N GLY B 109 9.33 -22.23 -1.77
CA GLY B 109 9.98 -20.99 -1.40
C GLY B 109 9.82 -20.63 0.04
N MET B 110 9.70 -19.32 0.33
CA MET B 110 9.56 -18.82 1.70
C MET B 110 8.19 -19.14 2.20
N MET B 111 7.20 -19.24 1.28
CA MET B 111 5.83 -19.63 1.63
C MET B 111 5.85 -21.03 2.27
N GLY B 112 6.49 -21.99 1.59
CA GLY B 112 6.62 -23.37 2.09
C GLY B 112 7.35 -23.45 3.41
N GLU B 113 8.43 -22.66 3.55
CA GLU B 113 9.17 -22.64 4.81
C GLU B 113 8.36 -22.09 5.96
N LEU B 114 7.56 -21.03 5.72
CA LEU B 114 6.74 -20.45 6.78
C LEU B 114 5.63 -21.42 7.22
N LEU B 115 4.94 -22.02 6.25
CA LEU B 115 3.89 -23.01 6.50
C LEU B 115 4.42 -24.31 7.17
N SER B 116 5.66 -24.75 6.86
CA SER B 116 6.19 -25.99 7.48
C SER B 116 6.69 -25.77 8.90
N GLY B 117 7.07 -24.53 9.22
CA GLY B 117 7.59 -24.23 10.53
C GLY B 117 9.09 -24.04 10.52
N GLN B 118 9.71 -24.14 9.34
CA GLN B 118 11.14 -23.89 9.13
C GLN B 118 11.42 -22.38 9.34
N ALA B 119 10.35 -21.55 9.24
CA ALA B 119 10.41 -20.11 9.46
C ALA B 119 9.20 -19.69 10.29
N ASP B 120 9.35 -18.62 11.09
CA ASP B 120 8.28 -18.05 11.91
C ASP B 120 7.80 -16.72 11.33
N MET B 121 8.60 -16.14 10.45
CA MET B 121 8.24 -14.87 9.82
C MET B 121 9.01 -14.72 8.53
N ILE B 122 8.38 -14.17 7.48
CA ILE B 122 9.03 -13.82 6.22
C ILE B 122 9.25 -12.31 6.22
N VAL B 123 10.50 -11.87 6.05
CA VAL B 123 10.85 -10.44 6.02
C VAL B 123 11.62 -10.29 4.74
N ALA B 124 10.91 -9.93 3.69
CA ALA B 124 11.49 -9.85 2.35
C ALA B 124 10.57 -9.02 1.48
N PRO B 125 10.96 -8.65 0.24
CA PRO B 125 10.01 -7.96 -0.66
C PRO B 125 8.98 -8.98 -1.23
N LEU B 126 8.12 -9.49 -0.35
CA LEU B 126 7.13 -10.52 -0.62
C LEU B 126 5.77 -9.90 -0.95
N THR B 127 5.36 -10.07 -2.23
CA THR B 127 4.10 -9.56 -2.77
C THR B 127 2.91 -10.18 -2.08
N ILE B 128 1.98 -9.32 -1.69
CA ILE B 128 0.71 -9.67 -1.09
C ILE B 128 -0.24 -9.99 -2.26
N ASN B 129 -0.70 -11.21 -2.36
CA ASN B 129 -1.66 -11.59 -3.39
C ASN B 129 -2.70 -12.52 -2.78
N ASN B 130 -3.78 -12.74 -3.53
CA ASN B 130 -4.90 -13.56 -3.06
C ASN B 130 -4.48 -15.00 -2.70
N GLU B 131 -3.67 -15.63 -3.56
CA GLU B 131 -3.27 -17.05 -3.40
C GLU B 131 -2.55 -17.28 -2.12
N ARG B 132 -1.60 -16.41 -1.79
CA ARG B 132 -0.86 -16.52 -0.53
C ARG B 132 -1.70 -16.17 0.69
N ALA B 133 -2.54 -15.11 0.59
CA ALA B 133 -3.38 -14.62 1.70
C ALA B 133 -4.38 -15.67 2.22
N GLN B 134 -4.69 -16.70 1.40
CA GLN B 134 -5.54 -17.84 1.79
C GLN B 134 -4.82 -18.70 2.84
N TYR B 135 -3.47 -18.71 2.82
CA TYR B 135 -2.71 -19.59 3.72
C TYR B 135 -1.96 -18.90 4.80
N ILE B 136 -1.53 -17.65 4.57
CA ILE B 136 -0.77 -16.92 5.59
C ILE B 136 -1.38 -15.55 5.91
N GLU B 137 -0.94 -14.95 7.00
CA GLU B 137 -1.30 -13.61 7.41
C GLU B 137 -0.22 -12.68 6.84
N PHE B 138 -0.65 -11.61 6.16
CA PHE B 138 0.25 -10.58 5.65
C PHE B 138 0.01 -9.37 6.50
N SER B 139 1.08 -8.64 6.80
CA SER B 139 0.92 -7.37 7.54
C SER B 139 0.31 -6.34 6.54
N LYS B 140 -0.05 -5.13 7.03
CA LYS B 140 -0.41 -3.98 6.18
C LYS B 140 0.89 -3.76 5.34
N PRO B 141 0.84 -3.30 4.07
CA PRO B 141 2.09 -3.21 3.29
C PRO B 141 3.17 -2.28 3.79
N PHE B 142 4.46 -2.66 3.63
CA PHE B 142 5.55 -1.73 4.02
C PHE B 142 6.00 -0.91 2.81
N LYS B 143 5.55 -1.31 1.59
CA LYS B 143 5.87 -0.68 0.31
C LYS B 143 4.79 -0.99 -0.70
N TYR B 144 4.37 0.02 -1.48
CA TYR B 144 3.40 -0.12 -2.57
C TYR B 144 4.15 0.18 -3.84
N GLN B 145 4.13 -0.78 -4.78
CA GLN B 145 4.85 -0.69 -6.04
C GLN B 145 4.04 -1.41 -7.16
N GLY B 146 4.71 -1.88 -8.20
CA GLY B 146 4.05 -2.56 -9.31
C GLY B 146 5.01 -3.38 -10.15
N LEU B 147 4.56 -3.76 -11.36
CA LEU B 147 5.39 -4.52 -12.29
C LEU B 147 5.83 -3.63 -13.44
N THR B 148 7.08 -3.82 -13.89
CA THR B 148 7.65 -3.09 -15.01
C THR B 148 8.58 -4.00 -15.82
N ILE B 149 9.19 -3.49 -16.90
CA ILE B 149 10.04 -4.28 -17.78
C ILE B 149 11.44 -3.71 -17.89
N LEU B 150 12.45 -4.56 -17.74
CA LEU B 150 13.85 -4.24 -17.87
C LEU B 150 14.37 -4.77 -19.22
N VAL B 151 15.08 -3.92 -19.96
CA VAL B 151 15.69 -4.21 -21.26
C VAL B 151 17.12 -3.62 -21.27
N LYS B 152 17.93 -4.03 -22.26
CA LYS B 152 19.26 -3.46 -22.47
C LYS B 152 18.97 -2.11 -23.17
N LYS B 153 19.77 -1.07 -22.88
CA LYS B 153 19.56 0.25 -23.50
C LYS B 153 19.69 0.14 -25.04
N GLY B 154 18.74 0.75 -25.73
CA GLY B 154 18.64 0.73 -27.19
C GLY B 154 17.36 0.09 -27.70
N THR B 155 16.79 -0.85 -26.90
CA THR B 155 15.56 -1.58 -27.21
C THR B 155 14.35 -0.68 -26.95
N ARG B 156 13.43 -0.59 -27.93
CA ARG B 156 12.24 0.24 -27.81
C ARG B 156 11.00 -0.63 -27.62
N ILE B 157 10.26 -0.39 -26.51
CA ILE B 157 9.04 -1.11 -26.12
C ILE B 157 8.05 -0.10 -25.47
N THR B 158 6.76 -0.14 -25.86
CA THR B 158 5.73 0.74 -25.30
C THR B 158 5.36 0.33 -23.87
N GLY B 159 5.48 -0.97 -23.58
CA GLY B 159 5.18 -1.56 -22.29
C GLY B 159 4.72 -3.00 -22.44
N ILE B 160 3.75 -3.41 -21.60
CA ILE B 160 3.18 -4.76 -21.60
C ILE B 160 2.36 -5.04 -22.87
N ASN B 161 1.72 -3.98 -23.44
CA ASN B 161 0.87 -4.04 -24.63
C ASN B 161 1.62 -3.86 -25.96
N ASP B 162 2.94 -4.06 -25.94
CA ASP B 162 3.79 -3.98 -27.14
C ASP B 162 3.62 -5.26 -27.97
N PRO B 163 3.50 -5.17 -29.33
CA PRO B 163 3.32 -6.38 -30.14
C PRO B 163 4.38 -7.47 -29.96
N ARG B 164 5.62 -7.07 -29.54
CA ARG B 164 6.72 -8.01 -29.29
C ARG B 164 6.49 -8.90 -28.06
N LEU B 165 5.50 -8.54 -27.19
CA LEU B 165 5.15 -9.30 -26.00
C LEU B 165 3.83 -10.04 -26.18
N ARG B 166 2.79 -9.34 -26.68
CA ARG B 166 1.45 -9.90 -26.88
C ARG B 166 1.39 -10.94 -28.01
N ASN B 167 2.28 -10.84 -29.01
CA ASN B 167 2.41 -11.81 -30.10
C ASN B 167 3.84 -12.39 -30.02
N PRO B 168 4.06 -13.41 -29.14
CA PRO B 168 5.42 -13.94 -28.96
C PRO B 168 6.00 -14.71 -30.15
N SER B 169 7.33 -14.69 -30.24
CA SER B 169 8.17 -15.35 -31.24
C SER B 169 9.51 -15.71 -30.57
N ASP B 170 10.23 -16.72 -31.11
CA ASP B 170 11.52 -17.16 -30.58
C ASP B 170 12.64 -16.13 -30.86
N LYS B 171 12.33 -15.05 -31.61
CA LYS B 171 13.25 -13.96 -31.95
C LYS B 171 13.57 -13.12 -30.73
N PHE B 172 12.52 -12.61 -30.03
CA PHE B 172 12.60 -11.80 -28.83
C PHE B 172 12.21 -12.66 -27.60
N ILE B 173 13.20 -13.00 -26.77
CA ILE B 173 12.99 -13.84 -25.59
C ILE B 173 12.75 -12.99 -24.32
N TYR B 174 11.64 -13.26 -23.62
CA TYR B 174 11.30 -12.61 -22.36
C TYR B 174 10.95 -13.62 -21.26
N ALA B 175 11.05 -13.19 -19.99
CA ALA B 175 10.83 -14.03 -18.83
C ALA B 175 10.61 -13.25 -17.53
N THR B 176 10.43 -14.00 -16.45
CA THR B 176 10.30 -13.54 -15.07
C THR B 176 11.00 -14.56 -14.20
N VAL B 177 10.86 -14.48 -12.86
CA VAL B 177 11.48 -15.44 -11.97
C VAL B 177 10.48 -16.61 -11.78
N LYS B 178 10.99 -17.85 -11.81
CA LYS B 178 10.21 -19.06 -11.54
C LYS B 178 9.74 -18.99 -10.09
N GLN B 179 8.53 -19.53 -9.83
CA GLN B 179 7.92 -19.68 -8.51
C GLN B 179 7.85 -18.36 -7.71
N SER B 180 7.38 -17.30 -8.37
CA SER B 180 7.25 -15.97 -7.80
C SER B 180 5.82 -15.45 -8.02
N SER B 181 5.48 -14.31 -7.41
CA SER B 181 4.16 -13.69 -7.59
C SER B 181 3.90 -13.28 -9.04
N VAL B 182 4.94 -12.92 -9.81
CA VAL B 182 4.77 -12.51 -11.22
C VAL B 182 4.36 -13.77 -12.03
N ASP B 183 5.02 -14.91 -11.74
CA ASP B 183 4.74 -16.22 -12.32
C ASP B 183 3.24 -16.56 -12.07
N ILE B 184 2.77 -16.40 -10.80
CA ILE B 184 1.38 -16.61 -10.35
C ILE B 184 0.41 -15.78 -11.18
N TYR B 185 0.66 -14.45 -11.30
CA TYR B 185 -0.16 -13.48 -12.01
C TYR B 185 -0.35 -13.81 -13.49
N PHE B 186 0.76 -14.11 -14.22
CA PHE B 186 0.69 -14.43 -15.65
C PHE B 186 0.00 -15.78 -15.91
N ARG B 187 -0.05 -16.68 -14.92
CA ARG B 187 -0.71 -17.98 -14.95
C ARG B 187 -2.22 -17.89 -14.62
N ARG B 188 -2.63 -17.03 -13.64
CA ARG B 188 -4.03 -16.88 -13.23
CA ARG B 188 -4.02 -16.84 -13.22
C ARG B 188 -4.87 -16.14 -14.27
N GLN B 189 -4.36 -15.00 -14.79
CA GLN B 189 -5.05 -14.15 -15.77
C GLN B 189 -5.15 -14.83 -17.12
N VAL B 190 -6.40 -15.07 -17.57
CA VAL B 190 -6.68 -15.74 -18.85
C VAL B 190 -6.15 -14.87 -20.01
N GLU B 191 -6.25 -13.53 -19.89
CA GLU B 191 -5.75 -12.53 -20.85
C GLU B 191 -4.21 -12.54 -21.07
N LEU B 192 -3.46 -13.27 -20.22
CA LEU B 192 -2.00 -13.36 -20.27
C LEU B 192 -1.48 -14.75 -20.62
N SER B 193 -2.39 -15.65 -21.04
CA SER B 193 -2.08 -17.04 -21.40
C SER B 193 -1.02 -17.15 -22.48
N THR B 194 -1.14 -16.36 -23.56
CA THR B 194 -0.18 -16.33 -24.68
C THR B 194 1.20 -15.93 -24.15
N MET B 195 1.24 -14.88 -23.32
CA MET B 195 2.44 -14.35 -22.68
C MET B 195 3.10 -15.38 -21.75
N TYR B 196 2.28 -16.08 -20.93
CA TYR B 196 2.74 -17.11 -20.01
C TYR B 196 3.41 -18.31 -20.70
N ARG B 197 2.83 -18.77 -21.84
CA ARG B 197 3.30 -19.92 -22.65
C ARG B 197 4.72 -19.69 -23.19
N HIS B 198 5.08 -18.42 -23.50
CA HIS B 198 6.42 -18.06 -23.95
C HIS B 198 7.36 -18.09 -22.75
N MET B 199 7.00 -17.35 -21.68
CA MET B 199 7.71 -17.16 -20.42
C MET B 199 8.08 -18.46 -19.71
N GLU B 200 7.12 -19.42 -19.58
CA GLU B 200 7.34 -20.72 -18.92
C GLU B 200 8.55 -21.51 -19.46
N LYS B 201 9.03 -21.15 -20.67
CA LYS B 201 10.18 -21.80 -21.32
C LYS B 201 11.49 -21.08 -20.98
N HIS B 202 11.43 -19.79 -20.60
CA HIS B 202 12.63 -18.99 -20.34
C HIS B 202 12.83 -18.49 -18.90
N ASN B 203 11.79 -18.56 -18.03
CA ASN B 203 11.81 -18.09 -16.65
C ASN B 203 13.10 -18.45 -15.88
N TYR B 204 13.65 -17.47 -15.15
CA TYR B 204 14.92 -17.64 -14.44
C TYR B 204 14.78 -18.12 -12.99
N GLU B 205 15.85 -18.69 -12.44
CA GLU B 205 15.87 -19.20 -11.06
C GLU B 205 15.87 -18.03 -10.04
N SER B 206 16.42 -16.89 -10.45
CA SER B 206 16.52 -15.69 -9.61
C SER B 206 16.49 -14.42 -10.44
N ALA B 207 16.13 -13.30 -9.79
CA ALA B 207 16.10 -11.97 -10.41
C ALA B 207 17.51 -11.56 -10.86
N ALA B 208 18.54 -11.89 -10.05
CA ALA B 208 19.95 -11.59 -10.33
C ALA B 208 20.43 -12.35 -11.57
N GLU B 209 20.06 -13.67 -11.71
CA GLU B 209 20.42 -14.47 -12.89
C GLU B 209 19.78 -13.83 -14.15
N ALA B 210 18.49 -13.41 -14.04
CA ALA B 210 17.77 -12.80 -15.16
C ALA B 210 18.33 -11.43 -15.58
N ILE B 211 18.64 -10.53 -14.61
CA ILE B 211 19.20 -9.18 -14.84
C ILE B 211 20.57 -9.30 -15.56
N GLN B 212 21.38 -10.32 -15.17
CA GLN B 212 22.68 -10.61 -15.77
C GLN B 212 22.50 -11.11 -17.21
N ALA B 213 21.46 -11.91 -17.46
CA ALA B 213 21.18 -12.42 -18.80
C ALA B 213 20.68 -11.31 -19.75
N VAL B 214 20.06 -10.23 -19.23
CA VAL B 214 19.63 -9.09 -20.06
C VAL B 214 20.91 -8.32 -20.48
N ARG B 215 21.86 -8.20 -19.53
CA ARG B 215 23.17 -7.57 -19.73
C ARG B 215 24.01 -8.36 -20.74
N ASP B 216 23.90 -9.71 -20.72
CA ASP B 216 24.65 -10.63 -21.57
C ASP B 216 23.91 -11.00 -22.87
N ASN B 217 22.87 -10.21 -23.24
CA ASN B 217 21.99 -10.35 -24.41
C ASN B 217 21.39 -11.76 -24.60
N LYS B 218 21.33 -12.55 -23.51
CA LYS B 218 20.77 -13.90 -23.49
C LYS B 218 19.24 -13.83 -23.36
N LEU B 219 18.76 -12.83 -22.59
CA LEU B 219 17.35 -12.51 -22.37
C LEU B 219 17.15 -11.09 -22.89
N HIS B 220 16.04 -10.83 -23.56
CA HIS B 220 15.80 -9.50 -24.14
C HIS B 220 14.95 -8.60 -23.27
N ALA B 221 13.94 -9.18 -22.58
CA ALA B 221 13.09 -8.44 -21.66
C ALA B 221 12.84 -9.21 -20.34
N PHE B 222 12.90 -8.49 -19.21
CA PHE B 222 12.68 -9.06 -17.89
C PHE B 222 11.54 -8.34 -17.22
N ILE B 223 10.43 -9.06 -16.93
CA ILE B 223 9.23 -8.53 -16.26
C ILE B 223 9.37 -8.82 -14.76
N TRP B 224 9.45 -7.75 -13.92
CA TRP B 224 9.66 -7.89 -12.46
C TRP B 224 9.16 -6.67 -11.66
N ASP B 225 9.32 -6.71 -10.32
CA ASP B 225 8.91 -5.65 -9.39
C ASP B 225 9.61 -4.34 -9.70
N SER B 226 8.84 -3.25 -9.83
CA SER B 226 9.41 -1.92 -10.15
C SER B 226 10.42 -1.45 -9.09
N ALA B 227 10.16 -1.74 -7.79
CA ALA B 227 11.06 -1.34 -6.70
C ALA B 227 12.47 -1.92 -6.91
N VAL B 228 12.58 -3.15 -7.45
CA VAL B 228 13.85 -3.80 -7.73
C VAL B 228 14.41 -3.31 -9.08
N LEU B 229 13.59 -3.34 -10.16
CA LEU B 229 14.03 -2.98 -11.53
C LEU B 229 14.58 -1.55 -11.66
N GLU B 230 13.86 -0.57 -11.09
CA GLU B 230 14.25 0.85 -11.11
C GLU B 230 15.55 1.05 -10.34
N PHE B 231 15.71 0.38 -9.19
CA PHE B 231 16.99 0.43 -8.46
C PHE B 231 18.13 -0.08 -9.37
N GLU B 232 17.92 -1.23 -10.05
CA GLU B 232 18.90 -1.84 -10.93
C GLU B 232 19.25 -0.97 -12.14
N ALA B 233 18.23 -0.32 -12.73
CA ALA B 233 18.36 0.58 -13.89
C ALA B 233 19.18 1.83 -13.54
N SER B 234 19.02 2.36 -12.31
CA SER B 234 19.74 3.55 -11.86
C SER B 234 21.21 3.24 -11.53
N GLN B 235 21.50 1.99 -11.13
CA GLN B 235 22.84 1.52 -10.78
C GLN B 235 23.61 1.07 -12.03
N LYS B 236 22.93 0.34 -12.94
CA LYS B 236 23.48 -0.17 -14.20
C LYS B 236 22.82 0.63 -15.33
N CYS B 237 23.53 1.67 -15.83
CA CYS B 237 23.01 2.56 -16.86
C CYS B 237 22.89 1.90 -18.26
N ASP B 238 23.47 0.68 -18.43
CA ASP B 238 23.37 -0.11 -19.66
C ASP B 238 22.01 -0.85 -19.74
N LEU B 239 21.20 -0.77 -18.66
CA LEU B 239 19.85 -1.34 -18.54
C LEU B 239 18.84 -0.21 -18.26
N VAL B 240 17.65 -0.26 -18.86
CA VAL B 240 16.61 0.77 -18.69
C VAL B 240 15.23 0.13 -18.46
N THR B 241 14.39 0.74 -17.58
CA THR B 241 13.02 0.25 -17.40
C THR B 241 12.16 0.88 -18.49
N THR B 242 11.31 0.06 -19.12
CA THR B 242 10.47 0.53 -20.21
C THR B 242 8.97 0.35 -19.92
N GLY B 243 8.19 1.29 -20.44
CA GLY B 243 6.74 1.29 -20.29
C GLY B 243 6.26 1.81 -18.95
N GLU B 244 4.93 1.80 -18.76
CA GLU B 244 4.29 2.27 -17.53
C GLU B 244 4.06 1.09 -16.58
N LEU B 245 3.72 1.39 -15.32
CA LEU B 245 3.46 0.38 -14.31
C LEU B 245 2.12 -0.31 -14.50
N PHE B 246 2.14 -1.64 -14.39
CA PHE B 246 0.98 -2.54 -14.43
C PHE B 246 1.01 -3.39 -13.14
N PHE B 247 -0.08 -4.13 -12.86
CA PHE B 247 -0.30 -4.94 -11.66
C PHE B 247 0.37 -4.35 -10.41
N ARG B 248 -0.24 -3.29 -9.90
CA ARG B 248 0.23 -2.65 -8.70
C ARG B 248 -0.04 -3.59 -7.55
N SER B 249 0.89 -3.66 -6.60
CA SER B 249 0.78 -4.56 -5.46
C SER B 249 1.73 -4.10 -4.37
N GLY B 250 1.43 -4.50 -3.15
CA GLY B 250 2.26 -4.16 -2.01
C GLY B 250 3.13 -5.30 -1.54
N PHE B 251 4.18 -4.96 -0.75
CA PHE B 251 5.05 -5.91 -0.09
C PHE B 251 4.63 -5.94 1.36
N GLY B 252 4.57 -7.12 1.93
CA GLY B 252 4.21 -7.26 3.34
C GLY B 252 5.04 -8.32 4.03
N ILE B 253 5.07 -8.25 5.36
CA ILE B 253 5.68 -9.23 6.27
C ILE B 253 4.71 -10.43 6.27
N GLY B 254 5.24 -11.63 6.17
CA GLY B 254 4.45 -12.86 6.18
C GLY B 254 4.58 -13.61 7.49
N MET B 255 3.46 -14.07 8.04
CA MET B 255 3.36 -14.83 9.28
C MET B 255 2.31 -15.92 9.11
N ARG B 256 2.35 -16.96 9.99
CA ARG B 256 1.30 -18.01 10.01
C ARG B 256 0.07 -17.36 10.62
N LYS B 257 -1.11 -17.85 10.25
CA LYS B 257 -2.40 -17.28 10.69
C LYS B 257 -2.59 -17.27 12.21
N ASP B 258 -1.90 -18.16 12.94
CA ASP B 258 -2.01 -18.20 14.40
C ASP B 258 -0.88 -17.45 15.12
N SER B 259 -0.08 -16.66 14.38
CA SER B 259 1.03 -15.92 14.98
C SER B 259 0.53 -14.92 16.04
N PRO B 260 1.18 -14.88 17.24
CA PRO B 260 0.75 -13.91 18.26
C PRO B 260 1.27 -12.49 17.98
N TRP B 261 2.12 -12.32 16.95
CA TRP B 261 2.78 -11.07 16.58
C TRP B 261 2.07 -10.24 15.51
N LYS B 262 1.08 -10.80 14.80
CA LYS B 262 0.45 -10.16 13.63
C LYS B 262 -0.12 -8.76 13.85
N GLN B 263 -0.88 -8.53 14.92
CA GLN B 263 -1.45 -7.21 15.19
C GLN B 263 -0.34 -6.17 15.44
N ASN B 264 0.69 -6.53 16.23
CA ASN B 264 1.78 -5.61 16.54
C ASN B 264 2.75 -5.40 15.38
N VAL B 265 2.87 -6.37 14.46
CA VAL B 265 3.68 -6.20 13.24
C VAL B 265 3.02 -5.12 12.32
N SER B 266 1.70 -5.22 12.09
CA SER B 266 1.00 -4.20 11.27
C SER B 266 0.98 -2.84 11.96
N LEU B 267 0.76 -2.80 13.29
CA LEU B 267 0.78 -1.51 14.04
C LEU B 267 2.12 -0.83 13.94
N SER B 268 3.21 -1.61 14.04
CA SER B 268 4.57 -1.10 13.89
C SER B 268 4.82 -0.60 12.47
N ILE B 269 4.30 -1.30 11.44
CA ILE B 269 4.48 -0.84 10.05
C ILE B 269 3.73 0.50 9.83
N LEU B 270 2.52 0.63 10.41
CA LEU B 270 1.74 1.87 10.28
C LEU B 270 2.43 3.02 10.99
N LYS B 271 3.00 2.77 12.19
CA LYS B 271 3.73 3.77 12.98
C LYS B 271 4.92 4.29 12.19
N SER B 272 5.63 3.36 11.52
CA SER B 272 6.79 3.64 10.67
C SER B 272 6.47 4.43 9.43
N HIS B 273 5.29 4.20 8.80
CA HIS B 273 4.88 5.02 7.66
C HIS B 273 4.56 6.44 8.18
N GLU B 274 3.83 6.52 9.31
CA GLU B 274 3.41 7.82 9.87
C GLU B 274 4.52 8.73 10.41
N ASN B 275 5.59 8.16 11.01
CA ASN B 275 6.67 8.99 11.61
C ASN B 275 7.86 9.25 10.68
N GLY B 276 7.77 8.85 9.43
CA GLY B 276 8.86 9.04 8.47
C GLY B 276 9.95 7.98 8.44
N PHE B 277 9.90 6.95 9.32
CA PHE B 277 10.92 5.89 9.33
C PHE B 277 11.00 5.14 8.00
N MET B 278 9.84 4.73 7.43
CA MET B 278 9.79 4.00 6.15
C MET B 278 10.36 4.87 5.01
N GLU B 279 10.01 6.19 5.00
CA GLU B 279 10.55 7.15 4.00
C GLU B 279 12.08 7.28 4.18
N ASP B 280 12.59 7.24 5.42
CA ASP B 280 14.02 7.27 5.72
C ASP B 280 14.68 6.01 5.10
N LEU B 281 14.06 4.82 5.28
CA LEU B 281 14.59 3.58 4.69
C LEU B 281 14.60 3.68 3.15
N ASP B 282 13.55 4.28 2.59
CA ASP B 282 13.38 4.47 1.16
C ASP B 282 14.50 5.35 0.57
N LYS B 283 14.89 6.42 1.30
CA LYS B 283 15.97 7.34 0.97
C LYS B 283 17.35 6.71 1.10
N THR B 284 17.55 5.87 2.14
CA THR B 284 18.83 5.19 2.37
C THR B 284 19.11 4.11 1.31
N TRP B 285 18.10 3.29 0.96
CA TRP B 285 18.26 2.12 0.12
C TRP B 285 17.70 2.14 -1.29
N VAL B 286 16.53 2.75 -1.52
CA VAL B 286 15.85 2.67 -2.80
C VAL B 286 16.10 3.90 -3.71
N ARG B 287 15.87 5.13 -3.21
CA ARG B 287 16.08 6.36 -3.99
C ARG B 287 17.33 7.14 -3.57
#